data_2QDF
#
_entry.id   2QDF
#
_cell.length_a   71.650
_cell.length_b   107.560
_cell.length_c   44.220
_cell.angle_alpha   90.000
_cell.angle_beta   90.000
_cell.angle_gamma   90.000
#
_symmetry.space_group_name_H-M   'P 21 21 2'
#
loop_
_entity.id
_entity.type
_entity.pdbx_description
1 polymer 'Outer membrane protein assembly factor yaeT'
2 non-polymer 'MAGNESIUM ION'
3 water water
#
_entity_poly.entity_id   1
_entity_poly.type   'polypeptide(L)'
_entity_poly.pdbx_seq_one_letter_code
;GSHMAEGFVVKDIHFEGLQRVAVGAALLSMPVRTGDTVNDEDISNTIRALFATGNFEDVRVLRDGDTLLVQVKERPTIAS
ITFSGNKSVKDDMLKQNLEASGVRVGESLDRTTIADIEKGLEDFYYSVGKYSASVKAVVTPLPRNRVDLKLVFQEGVSAE
IQQINIVGNHAFTTDELISHFQLRDEVPWWNVVGDRKYQKQKLAGDLETLRSYYLDRGYARFNIDSTQVSLTPDKKGIYV
TVNITEGDQYKLSGVEVSGNLAGHSAEIEQLTKIEPGELYNGTKVTKMEDDIKKLLGRYGYAYPRVQSMPEINDADKTVK
LRVNVDAGNRFYVRK
;
_entity_poly.pdbx_strand_id   A
#
loop_
_chem_comp.id
_chem_comp.type
_chem_comp.name
_chem_comp.formula
MG non-polymer 'MAGNESIUM ION' 'Mg 2'
#
# COMPACT_ATOMS: atom_id res chain seq x y z
N MET A 4 -30.87 28.53 -15.05
CA MET A 4 -32.09 27.67 -15.18
C MET A 4 -32.06 26.87 -16.48
N ALA A 5 -31.69 27.54 -17.57
CA ALA A 5 -31.61 26.92 -18.89
C ALA A 5 -32.70 25.88 -19.12
N GLU A 6 -32.32 24.73 -19.69
CA GLU A 6 -33.27 23.67 -19.96
C GLU A 6 -32.58 22.31 -20.17
N GLY A 7 -31.91 22.17 -21.30
CA GLY A 7 -31.25 20.92 -21.61
C GLY A 7 -32.23 20.09 -22.41
N PHE A 8 -31.76 19.02 -23.03
CA PHE A 8 -32.65 18.19 -23.83
C PHE A 8 -33.02 16.88 -23.14
N VAL A 9 -33.96 16.15 -23.75
CA VAL A 9 -34.40 14.87 -23.21
C VAL A 9 -33.67 13.77 -23.98
N VAL A 10 -32.93 12.95 -23.26
CA VAL A 10 -32.16 11.87 -23.87
C VAL A 10 -33.04 10.75 -24.39
N LYS A 11 -33.10 10.60 -25.71
CA LYS A 11 -33.90 9.57 -26.36
C LYS A 11 -33.16 8.24 -26.33
N ASP A 12 -31.84 8.32 -26.25
CA ASP A 12 -31.01 7.14 -26.19
C ASP A 12 -29.56 7.56 -26.03
N ILE A 13 -28.69 6.57 -25.84
CA ILE A 13 -27.29 6.82 -25.62
C ILE A 13 -26.42 5.93 -26.51
N HIS A 14 -25.51 6.56 -27.23
CA HIS A 14 -24.62 5.81 -28.10
C HIS A 14 -23.23 5.91 -27.52
N PHE A 15 -22.50 4.81 -27.64
CA PHE A 15 -21.13 4.75 -27.17
C PHE A 15 -20.21 4.50 -28.32
N GLU A 16 -19.00 5.01 -28.17
CA GLU A 16 -17.93 4.85 -29.13
C GLU A 16 -16.68 4.66 -28.29
N GLY A 17 -15.90 3.63 -28.58
CA GLY A 17 -14.66 3.39 -27.85
C GLY A 17 -14.67 2.28 -26.84
N LEU A 18 -15.85 1.79 -26.46
CA LEU A 18 -15.94 0.71 -25.49
C LEU A 18 -15.30 -0.56 -26.04
N GLN A 19 -14.54 -1.26 -25.19
CA GLN A 19 -13.91 -2.50 -25.62
C GLN A 19 -13.90 -3.50 -24.47
N ARG A 20 -13.16 -3.18 -23.41
CA ARG A 20 -13.08 -4.05 -22.26
C ARG A 20 -14.18 -3.67 -21.27
N VAL A 21 -14.66 -2.43 -21.34
CA VAL A 21 -15.72 -1.97 -20.44
C VAL A 21 -17.09 -2.33 -21.03
N ALA A 22 -17.85 -3.13 -20.28
CA ALA A 22 -19.18 -3.54 -20.71
C ALA A 22 -20.08 -2.31 -20.78
N VAL A 23 -20.93 -2.25 -21.80
CA VAL A 23 -21.80 -1.10 -21.93
C VAL A 23 -22.67 -0.99 -20.71
N GLY A 24 -23.09 -2.13 -20.16
CA GLY A 24 -23.93 -2.13 -18.97
C GLY A 24 -23.21 -1.50 -17.78
N ALA A 25 -21.92 -1.78 -17.64
CA ALA A 25 -21.11 -1.24 -16.55
C ALA A 25 -20.81 0.24 -16.81
N ALA A 26 -20.80 0.60 -18.09
CA ALA A 26 -20.55 1.98 -18.46
C ALA A 26 -21.80 2.78 -18.10
N LEU A 27 -22.98 2.22 -18.38
CA LEU A 27 -24.23 2.89 -18.06
C LEU A 27 -24.48 3.00 -16.55
N LEU A 28 -24.19 1.93 -15.80
CA LEU A 28 -24.40 1.98 -14.36
C LEU A 28 -23.53 3.03 -13.68
N SER A 29 -22.34 3.27 -14.24
CA SER A 29 -21.42 4.25 -13.69
C SER A 29 -21.77 5.68 -14.09
N MET A 30 -22.71 5.84 -15.03
CA MET A 30 -23.15 7.15 -15.48
C MET A 30 -24.33 7.65 -14.64
N PRO A 31 -24.35 8.95 -14.33
CA PRO A 31 -25.42 9.55 -13.52
C PRO A 31 -26.68 9.91 -14.31
N VAL A 32 -26.76 9.48 -15.56
CA VAL A 32 -27.93 9.78 -16.36
C VAL A 32 -28.31 8.60 -17.23
N ARG A 33 -29.58 8.55 -17.61
CA ARG A 33 -30.06 7.50 -18.49
C ARG A 33 -31.21 8.06 -19.31
N THR A 34 -31.66 7.30 -20.30
CA THR A 34 -32.74 7.72 -21.17
C THR A 34 -33.94 8.28 -20.40
N GLY A 35 -34.66 9.20 -21.02
CA GLY A 35 -35.81 9.80 -20.37
C GLY A 35 -35.45 11.03 -19.56
N ASP A 36 -34.22 11.07 -19.07
CA ASP A 36 -33.76 12.21 -18.28
C ASP A 36 -33.56 13.43 -19.17
N THR A 37 -33.63 14.61 -18.57
CA THR A 37 -33.40 15.86 -19.27
C THR A 37 -32.01 16.27 -18.82
N VAL A 38 -31.09 16.28 -19.79
CA VAL A 38 -29.70 16.59 -19.55
C VAL A 38 -29.31 18.00 -20.00
N ASN A 39 -28.56 18.68 -19.14
CA ASN A 39 -28.05 20.01 -19.43
C ASN A 39 -26.54 19.92 -19.28
N ASP A 40 -25.82 21.01 -19.57
CA ASP A 40 -24.37 21.00 -19.47
C ASP A 40 -23.87 20.56 -18.11
N GLU A 41 -24.61 20.87 -17.05
CA GLU A 41 -24.21 20.47 -15.71
C GLU A 41 -24.22 18.94 -15.59
N ASP A 42 -25.27 18.32 -16.12
CA ASP A 42 -25.41 16.87 -16.09
C ASP A 42 -24.32 16.20 -16.92
N ILE A 43 -24.00 16.81 -18.05
CA ILE A 43 -22.96 16.29 -18.93
C ILE A 43 -21.62 16.34 -18.21
N SER A 44 -21.40 17.40 -17.44
CA SER A 44 -20.16 17.51 -16.67
C SER A 44 -20.13 16.40 -15.63
N ASN A 45 -21.28 16.12 -15.02
CA ASN A 45 -21.35 15.06 -14.03
C ASN A 45 -21.04 13.71 -14.69
N THR A 46 -21.63 13.48 -15.86
CA THR A 46 -21.42 12.24 -16.59
C THR A 46 -19.94 12.07 -16.94
N ILE A 47 -19.34 13.09 -17.54
CA ILE A 47 -17.93 13.05 -17.88
C ILE A 47 -17.11 12.79 -16.62
N ARG A 48 -17.37 13.56 -15.58
CA ARG A 48 -16.62 13.38 -14.34
C ARG A 48 -16.80 11.98 -13.78
N ALA A 49 -18.02 11.45 -13.82
CA ALA A 49 -18.28 10.11 -13.31
C ALA A 49 -17.56 9.03 -14.12
N LEU A 50 -17.61 9.12 -15.44
CA LEU A 50 -16.93 8.13 -16.27
C LEU A 50 -15.42 8.11 -16.01
N PHE A 51 -14.82 9.28 -15.92
CA PHE A 51 -13.39 9.40 -15.65
C PHE A 51 -13.00 8.77 -14.32
N ALA A 52 -13.82 8.99 -13.30
CA ALA A 52 -13.59 8.47 -11.96
C ALA A 52 -13.57 6.96 -11.84
N THR A 53 -13.97 6.27 -12.90
CA THR A 53 -13.96 4.82 -12.87
C THR A 53 -12.50 4.36 -13.00
N GLY A 54 -11.68 5.22 -13.60
CA GLY A 54 -10.28 4.90 -13.81
C GLY A 54 -10.07 4.09 -15.07
N ASN A 55 -11.17 3.72 -15.70
CA ASN A 55 -11.12 2.91 -16.93
C ASN A 55 -10.71 3.67 -18.18
N PHE A 56 -10.86 4.99 -18.17
CA PHE A 56 -10.58 5.74 -19.39
C PHE A 56 -9.43 6.73 -19.42
N GLU A 57 -8.88 6.87 -20.61
CA GLU A 57 -7.76 7.76 -20.86
C GLU A 57 -8.31 9.06 -21.42
N ASP A 58 -9.60 9.05 -21.75
CA ASP A 58 -10.30 10.24 -22.22
C ASP A 58 -11.79 9.98 -22.44
N VAL A 59 -12.59 10.93 -21.98
CA VAL A 59 -14.05 10.86 -22.08
C VAL A 59 -14.62 12.11 -22.76
N ARG A 60 -15.49 11.89 -23.74
CA ARG A 60 -16.16 12.97 -24.44
C ARG A 60 -17.65 12.66 -24.34
N VAL A 61 -18.47 13.66 -24.06
CA VAL A 61 -19.91 13.45 -23.97
C VAL A 61 -20.63 14.65 -24.58
N LEU A 62 -21.34 14.40 -25.66
CA LEU A 62 -22.02 15.48 -26.37
C LEU A 62 -23.38 15.10 -26.93
N ARG A 63 -24.24 16.11 -27.07
CA ARG A 63 -25.57 15.92 -27.61
C ARG A 63 -25.50 15.74 -29.12
N ASP A 64 -26.28 14.79 -29.62
CA ASP A 64 -26.36 14.51 -31.04
C ASP A 64 -27.85 14.35 -31.31
N GLY A 65 -28.51 15.45 -31.68
CA GLY A 65 -29.93 15.37 -31.91
C GLY A 65 -30.56 14.99 -30.60
N ASP A 66 -31.21 13.84 -30.54
CA ASP A 66 -31.85 13.38 -29.31
C ASP A 66 -30.95 12.38 -28.60
N THR A 67 -29.86 12.01 -29.27
CA THR A 67 -28.91 11.04 -28.74
C THR A 67 -27.79 11.62 -27.89
N LEU A 68 -27.56 11.03 -26.71
CA LEU A 68 -26.45 11.46 -25.88
C LEU A 68 -25.31 10.59 -26.39
N LEU A 69 -24.25 11.22 -26.89
CA LEU A 69 -23.13 10.46 -27.42
C LEU A 69 -21.94 10.41 -26.46
N VAL A 70 -21.54 9.20 -26.07
CA VAL A 70 -20.42 9.01 -25.16
C VAL A 70 -19.23 8.40 -25.91
N GLN A 71 -18.17 9.18 -26.06
CA GLN A 71 -16.97 8.71 -26.76
C GLN A 71 -15.82 8.54 -25.76
N VAL A 72 -15.30 7.32 -25.66
CA VAL A 72 -14.23 7.06 -24.71
C VAL A 72 -12.96 6.48 -25.32
N LYS A 73 -11.88 6.60 -24.54
CA LYS A 73 -10.58 6.07 -24.93
C LYS A 73 -10.12 5.31 -23.71
N GLU A 74 -10.31 4.00 -23.74
CA GLU A 74 -9.93 3.14 -22.61
C GLU A 74 -8.42 3.05 -22.45
N ARG A 75 -7.99 2.96 -21.19
CA ARG A 75 -6.57 2.79 -20.86
C ARG A 75 -6.18 1.45 -21.47
N PRO A 76 -4.95 1.34 -21.97
CA PRO A 76 -4.54 0.05 -22.56
C PRO A 76 -4.40 -0.99 -21.46
N THR A 77 -4.48 -2.26 -21.83
CA THR A 77 -4.30 -3.31 -20.84
C THR A 77 -2.84 -3.71 -20.87
N ILE A 78 -2.28 -3.91 -19.68
CA ILE A 78 -0.88 -4.29 -19.54
C ILE A 78 -0.82 -5.79 -19.78
N ALA A 79 -0.22 -6.19 -20.89
CA ALA A 79 -0.11 -7.60 -21.26
C ALA A 79 1.09 -8.27 -20.57
N SER A 80 2.17 -7.52 -20.38
CA SER A 80 3.34 -8.07 -19.72
C SER A 80 4.28 -7.02 -19.18
N ILE A 81 4.86 -7.31 -18.03
CA ILE A 81 5.80 -6.43 -17.39
C ILE A 81 7.13 -7.16 -17.32
N THR A 82 8.17 -6.51 -17.81
CA THR A 82 9.48 -7.14 -17.81
C THR A 82 10.45 -6.21 -17.08
N PHE A 83 11.21 -6.75 -16.14
CA PHE A 83 12.20 -5.95 -15.45
C PHE A 83 13.55 -6.42 -16.01
N SER A 84 14.32 -5.50 -16.56
CA SER A 84 15.61 -5.84 -17.13
C SER A 84 16.72 -4.95 -16.60
N GLY A 85 17.86 -5.56 -16.23
CA GLY A 85 18.99 -4.81 -15.72
C GLY A 85 19.14 -4.88 -14.21
N ASN A 86 18.12 -5.38 -13.54
CA ASN A 86 18.15 -5.49 -12.09
C ASN A 86 18.80 -6.80 -11.72
N LYS A 87 19.41 -6.84 -10.55
CA LYS A 87 20.04 -8.05 -10.04
C LYS A 87 20.07 -8.03 -8.51
N SER A 88 20.33 -6.87 -7.93
CA SER A 88 20.36 -6.76 -6.47
C SER A 88 18.95 -6.99 -5.95
N VAL A 89 17.97 -6.53 -6.70
CA VAL A 89 16.56 -6.70 -6.33
C VAL A 89 15.98 -7.57 -7.41
N LYS A 90 15.36 -8.68 -7.03
CA LYS A 90 14.81 -9.62 -8.00
C LYS A 90 13.46 -9.30 -8.60
N ASP A 91 13.21 -9.91 -9.77
CA ASP A 91 11.97 -9.71 -10.50
C ASP A 91 10.72 -9.75 -9.61
N ASP A 92 10.54 -10.85 -8.88
CA ASP A 92 9.37 -11.00 -8.02
C ASP A 92 9.19 -9.87 -7.03
N MET A 93 10.28 -9.37 -6.45
CA MET A 93 10.15 -8.28 -5.50
C MET A 93 9.71 -6.99 -6.20
N LEU A 94 10.23 -6.73 -7.39
CA LEU A 94 9.84 -5.54 -8.14
C LEU A 94 8.38 -5.66 -8.60
N LYS A 95 7.98 -6.87 -8.99
CA LYS A 95 6.62 -7.14 -9.43
C LYS A 95 5.67 -6.84 -8.28
N GLN A 96 6.05 -7.33 -7.11
CA GLN A 96 5.28 -7.14 -5.89
C GLN A 96 5.13 -5.66 -5.59
N ASN A 97 6.25 -4.94 -5.61
CA ASN A 97 6.25 -3.51 -5.33
C ASN A 97 5.31 -2.71 -6.22
N LEU A 98 5.21 -3.12 -7.48
CA LEU A 98 4.34 -2.44 -8.43
C LEU A 98 2.87 -2.82 -8.23
N GLU A 99 2.65 -4.08 -7.86
CA GLU A 99 1.31 -4.60 -7.62
C GLU A 99 0.61 -3.84 -6.49
N ALA A 100 1.35 -3.53 -5.43
CA ALA A 100 0.77 -2.80 -4.32
C ALA A 100 0.60 -1.33 -4.71
N SER A 101 1.05 -0.99 -5.90
CA SER A 101 0.97 0.38 -6.37
C SER A 101 0.03 0.55 -7.57
N GLY A 102 -0.92 -0.38 -7.69
CA GLY A 102 -1.90 -0.32 -8.77
C GLY A 102 -1.42 -0.69 -10.16
N VAL A 103 -0.27 -1.34 -10.24
CA VAL A 103 0.28 -1.73 -11.54
C VAL A 103 0.54 -3.22 -11.59
N ARG A 104 -0.12 -3.91 -12.52
CA ARG A 104 0.08 -5.35 -12.68
C ARG A 104 -0.54 -5.87 -13.96
N VAL A 105 0.07 -6.90 -14.52
CA VAL A 105 -0.38 -7.51 -15.75
C VAL A 105 -1.88 -7.80 -15.72
N GLY A 106 -2.56 -7.39 -16.78
CA GLY A 106 -4.00 -7.60 -16.86
C GLY A 106 -4.79 -6.33 -16.51
N GLU A 107 -4.15 -5.41 -15.79
CA GLU A 107 -4.79 -4.16 -15.41
C GLU A 107 -4.47 -3.08 -16.43
N SER A 108 -5.11 -1.92 -16.28
CA SER A 108 -4.92 -0.79 -17.17
C SER A 108 -3.75 0.10 -16.82
N LEU A 109 -3.06 0.60 -17.84
CA LEU A 109 -1.93 1.48 -17.61
C LEU A 109 -2.36 2.94 -17.79
N ASP A 110 -2.25 3.72 -16.72
CA ASP A 110 -2.58 5.13 -16.78
C ASP A 110 -1.34 5.81 -17.32
N ARG A 111 -1.31 6.04 -18.63
CA ARG A 111 -0.17 6.66 -19.30
C ARG A 111 0.36 7.96 -18.71
N THR A 112 -0.40 8.61 -17.83
CA THR A 112 0.05 9.86 -17.23
C THR A 112 0.91 9.61 -15.99
N THR A 113 0.68 8.48 -15.32
CA THR A 113 1.42 8.12 -14.10
C THR A 113 2.80 7.52 -14.35
N ILE A 114 3.21 7.37 -15.61
CA ILE A 114 4.50 6.74 -15.91
C ILE A 114 5.70 7.24 -15.11
N ALA A 115 5.97 8.54 -15.16
CA ALA A 115 7.08 9.10 -14.43
C ALA A 115 7.01 8.68 -12.95
N ASP A 116 5.79 8.55 -12.44
CA ASP A 116 5.60 8.16 -11.04
C ASP A 116 6.04 6.72 -10.79
N ILE A 117 5.77 5.85 -11.75
CA ILE A 117 6.15 4.45 -11.64
C ILE A 117 7.69 4.36 -11.61
N GLU A 118 8.34 5.13 -12.48
CA GLU A 118 9.80 5.14 -12.54
C GLU A 118 10.43 5.64 -11.26
N LYS A 119 9.86 6.72 -10.70
CA LYS A 119 10.37 7.31 -9.48
C LYS A 119 10.09 6.40 -8.28
N GLY A 120 8.90 5.81 -8.25
CA GLY A 120 8.55 4.92 -7.16
C GLY A 120 9.46 3.71 -7.06
N LEU A 121 9.95 3.23 -8.21
CA LEU A 121 10.85 2.10 -8.24
C LEU A 121 12.26 2.54 -7.83
N GLU A 122 12.71 3.67 -8.37
CA GLU A 122 14.02 4.20 -8.01
C GLU A 122 14.06 4.38 -6.48
N ASP A 123 12.92 4.74 -5.90
CA ASP A 123 12.83 4.93 -4.46
C ASP A 123 12.80 3.58 -3.73
N PHE A 124 12.08 2.61 -4.31
CA PHE A 124 12.03 1.29 -3.71
C PHE A 124 13.47 0.84 -3.50
N TYR A 125 14.34 1.25 -4.42
CA TYR A 125 15.75 0.89 -4.35
C TYR A 125 16.45 1.43 -3.11
N TYR A 126 15.88 2.45 -2.47
CA TYR A 126 16.49 2.98 -1.27
C TYR A 126 16.48 1.92 -0.15
N SER A 127 15.54 0.99 -0.24
CA SER A 127 15.40 -0.06 0.76
C SER A 127 16.55 -1.06 0.79
N VAL A 128 17.42 -1.00 -0.21
CA VAL A 128 18.55 -1.92 -0.25
C VAL A 128 19.89 -1.21 -0.34
N GLY A 129 19.89 0.08 -0.01
CA GLY A 129 21.13 0.84 -0.03
C GLY A 129 21.63 1.36 -1.37
N LYS A 130 20.74 1.56 -2.32
CA LYS A 130 21.13 2.11 -3.62
C LYS A 130 20.31 3.37 -3.79
N TYR A 131 20.96 4.52 -3.70
CA TYR A 131 20.30 5.81 -3.80
C TYR A 131 20.56 6.51 -5.13
N SER A 132 21.14 5.79 -6.08
CA SER A 132 21.45 6.36 -7.38
C SER A 132 20.87 5.56 -8.54
N ALA A 133 19.94 4.67 -8.22
CA ALA A 133 19.31 3.85 -9.26
C ALA A 133 18.52 4.73 -10.22
N SER A 134 18.42 4.29 -11.47
CA SER A 134 17.67 5.01 -12.47
C SER A 134 16.82 3.97 -13.20
N VAL A 135 15.54 4.28 -13.36
CA VAL A 135 14.61 3.38 -14.03
C VAL A 135 14.02 4.03 -15.27
N LYS A 136 13.93 3.25 -16.34
CA LYS A 136 13.37 3.76 -17.59
C LYS A 136 12.26 2.84 -18.07
N ALA A 137 11.06 3.41 -18.19
CA ALA A 137 9.90 2.68 -18.65
C ALA A 137 9.83 2.74 -20.16
N VAL A 138 9.65 1.59 -20.78
CA VAL A 138 9.53 1.52 -22.22
C VAL A 138 8.18 0.86 -22.45
N VAL A 139 7.23 1.65 -22.95
CA VAL A 139 5.89 1.15 -23.19
C VAL A 139 5.69 0.84 -24.67
N THR A 140 5.32 -0.40 -24.97
CA THR A 140 5.12 -0.83 -26.34
C THR A 140 3.67 -1.15 -26.63
N PRO A 141 3.05 -0.39 -27.55
CA PRO A 141 1.65 -0.58 -27.95
C PRO A 141 1.42 -1.90 -28.67
N LEU A 142 0.36 -2.60 -28.27
CA LEU A 142 0.00 -3.88 -28.86
C LEU A 142 -1.41 -3.78 -29.48
N PRO A 143 -1.89 -4.87 -30.12
CA PRO A 143 -3.23 -4.85 -30.73
C PRO A 143 -4.27 -5.02 -29.63
N ARG A 144 -5.53 -4.72 -29.92
CA ARG A 144 -6.59 -4.84 -28.93
C ARG A 144 -6.29 -3.89 -27.77
N ASN A 145 -5.83 -2.69 -28.12
CA ASN A 145 -5.47 -1.68 -27.13
C ASN A 145 -4.69 -2.30 -25.97
N ARG A 146 -3.56 -2.93 -26.28
CA ARG A 146 -2.76 -3.55 -25.24
C ARG A 146 -1.37 -2.93 -25.19
N VAL A 147 -0.66 -3.21 -24.11
CA VAL A 147 0.64 -2.62 -23.92
C VAL A 147 1.63 -3.52 -23.17
N ASP A 148 2.89 -3.51 -23.59
CA ASP A 148 3.94 -4.27 -22.93
C ASP A 148 4.76 -3.23 -22.19
N LEU A 149 4.93 -3.43 -20.88
CA LEU A 149 5.70 -2.50 -20.06
C LEU A 149 7.06 -3.07 -19.67
N LYS A 150 8.11 -2.43 -20.15
CA LYS A 150 9.46 -2.90 -19.82
C LYS A 150 10.18 -1.84 -19.04
N LEU A 151 10.75 -2.24 -17.91
CA LEU A 151 11.48 -1.33 -17.07
C LEU A 151 12.96 -1.69 -17.10
N VAL A 152 13.77 -0.73 -17.51
CA VAL A 152 15.22 -0.91 -17.59
C VAL A 152 15.86 -0.28 -16.36
N PHE A 153 16.67 -1.07 -15.66
CA PHE A 153 17.33 -0.60 -14.45
C PHE A 153 18.83 -0.46 -14.52
N GLN A 154 19.34 0.61 -13.93
CA GLN A 154 20.77 0.87 -13.79
C GLN A 154 20.79 1.08 -12.27
N GLU A 155 21.02 -0.01 -11.54
CA GLU A 155 20.99 0.01 -10.09
C GLU A 155 21.95 0.96 -9.37
N GLY A 156 23.07 1.27 -10.02
CA GLY A 156 24.04 2.18 -9.43
C GLY A 156 24.83 1.56 -8.30
N VAL A 157 25.57 2.39 -7.58
CA VAL A 157 26.38 1.92 -6.47
C VAL A 157 25.61 1.90 -5.16
N SER A 158 25.98 0.98 -4.29
CA SER A 158 25.36 0.87 -2.98
C SER A 158 26.04 1.91 -2.09
N ALA A 159 25.32 2.42 -1.11
CA ALA A 159 25.92 3.41 -0.22
C ALA A 159 25.96 2.85 1.19
N GLU A 160 27.08 3.02 1.86
CA GLU A 160 27.17 2.53 3.21
C GLU A 160 27.00 3.72 4.15
N ILE A 161 26.33 3.47 5.26
CA ILE A 161 26.07 4.49 6.26
C ILE A 161 27.39 4.97 6.85
N GLN A 162 27.70 6.24 6.65
CA GLN A 162 28.91 6.84 7.19
C GLN A 162 28.65 7.36 8.59
N GLN A 163 27.42 7.83 8.84
CA GLN A 163 27.07 8.39 10.14
C GLN A 163 25.54 8.46 10.27
N ILE A 164 25.05 8.26 11.50
CA ILE A 164 23.61 8.33 11.75
C ILE A 164 23.38 9.02 13.08
N ASN A 165 22.48 10.00 13.06
CA ASN A 165 22.13 10.77 14.23
C ASN A 165 20.63 10.59 14.53
N ILE A 166 20.28 10.63 15.81
CA ILE A 166 18.89 10.51 16.22
C ILE A 166 18.48 11.79 16.93
N VAL A 167 17.34 12.36 16.55
CA VAL A 167 16.89 13.58 17.16
C VAL A 167 15.50 13.39 17.74
N GLY A 168 15.38 13.54 19.06
CA GLY A 168 14.09 13.39 19.73
C GLY A 168 14.08 12.27 20.74
N ASN A 169 15.25 11.69 21.00
CA ASN A 169 15.40 10.60 21.95
C ASN A 169 15.87 11.14 23.29
N HIS A 170 15.03 11.01 24.31
CA HIS A 170 15.37 11.46 25.65
C HIS A 170 15.45 10.27 26.60
N ALA A 171 14.52 9.32 26.42
CA ALA A 171 14.45 8.13 27.25
C ALA A 171 15.67 7.25 27.09
N PHE A 172 16.24 7.23 25.89
CA PHE A 172 17.42 6.42 25.62
C PHE A 172 18.51 7.25 24.97
N THR A 173 19.77 6.95 25.29
CA THR A 173 20.87 7.69 24.71
C THR A 173 21.11 7.28 23.27
N THR A 174 21.52 8.23 22.44
CA THR A 174 21.78 7.98 21.04
C THR A 174 22.70 6.79 20.84
N ASP A 175 23.69 6.65 21.72
CA ASP A 175 24.65 5.56 21.63
C ASP A 175 24.01 4.22 21.99
N GLU A 176 23.09 4.24 22.95
CA GLU A 176 22.38 3.03 23.35
C GLU A 176 21.62 2.52 22.14
N LEU A 177 20.85 3.41 21.53
CA LEU A 177 20.03 3.07 20.36
C LEU A 177 20.85 2.60 19.17
N ILE A 178 21.91 3.33 18.84
CA ILE A 178 22.77 2.97 17.72
C ILE A 178 23.51 1.67 18.00
N SER A 179 23.75 1.40 19.27
CA SER A 179 24.46 0.18 19.65
C SER A 179 23.72 -1.04 19.13
N HIS A 180 22.42 -0.90 18.88
CA HIS A 180 21.62 -2.01 18.38
C HIS A 180 21.55 -2.10 16.87
N PHE A 181 22.14 -1.14 16.17
CA PHE A 181 22.15 -1.15 14.71
C PHE A 181 23.35 -1.97 14.22
N GLN A 182 24.16 -2.42 15.16
CA GLN A 182 25.35 -3.20 14.82
C GLN A 182 25.09 -4.70 14.82
N LEU A 183 23.90 -5.10 14.35
CA LEU A 183 23.52 -6.51 14.31
C LEU A 183 23.48 -7.09 15.72
N ARG A 184 23.70 -8.39 15.84
CA ARG A 184 23.67 -9.07 17.14
C ARG A 184 24.80 -8.58 18.04
N GLN A 199 30.12 0.60 8.73
CA GLN A 199 28.97 -0.08 8.15
C GLN A 199 28.63 -1.36 8.90
N LYS A 200 27.39 -1.82 8.73
CA LYS A 200 26.89 -3.04 9.35
C LYS A 200 25.51 -3.32 8.79
N GLN A 201 24.46 -2.93 9.53
CA GLN A 201 23.11 -3.14 9.06
C GLN A 201 22.76 -1.99 8.12
N LYS A 202 21.75 -2.18 7.28
CA LYS A 202 21.30 -1.16 6.33
C LYS A 202 20.37 -0.18 7.03
N LEU A 203 20.16 0.99 6.44
CA LEU A 203 19.29 1.99 7.04
C LEU A 203 17.92 1.42 7.36
N ALA A 204 17.29 0.85 6.34
CA ALA A 204 15.96 0.24 6.46
C ALA A 204 15.87 -0.68 7.66
N GLY A 205 16.93 -1.43 7.90
CA GLY A 205 16.97 -2.34 9.04
C GLY A 205 17.11 -1.55 10.32
N ASP A 206 17.90 -0.49 10.29
CA ASP A 206 18.08 0.34 11.47
C ASP A 206 16.74 0.93 11.90
N LEU A 207 16.00 1.51 10.97
CA LEU A 207 14.69 2.10 11.30
C LEU A 207 13.75 1.06 11.91
N GLU A 208 13.74 -0.13 11.33
CA GLU A 208 12.90 -1.22 11.80
C GLU A 208 13.31 -1.59 13.23
N THR A 209 14.61 -1.65 13.45
CA THR A 209 15.13 -1.97 14.78
C THR A 209 14.77 -0.87 15.78
N LEU A 210 14.90 0.37 15.35
CA LEU A 210 14.62 1.51 16.21
C LEU A 210 13.17 1.46 16.69
N ARG A 211 12.25 1.30 15.74
CA ARG A 211 10.84 1.25 16.03
C ARG A 211 10.50 0.16 17.03
N SER A 212 11.00 -1.04 16.77
CA SER A 212 10.76 -2.19 17.64
C SER A 212 11.32 -1.98 19.04
N TYR A 213 12.46 -1.29 19.10
CA TYR A 213 13.11 -1.01 20.37
C TYR A 213 12.13 -0.31 21.30
N TYR A 214 11.46 0.70 20.77
CA TYR A 214 10.48 1.46 21.54
C TYR A 214 9.18 0.70 21.74
N LEU A 215 8.69 0.06 20.67
CA LEU A 215 7.43 -0.68 20.76
C LEU A 215 7.51 -1.89 21.68
N ASP A 216 8.70 -2.42 21.86
CA ASP A 216 8.88 -3.57 22.72
C ASP A 216 9.03 -3.12 24.17
N ARG A 217 9.22 -1.82 24.37
CA ARG A 217 9.39 -1.28 25.71
C ARG A 217 8.23 -0.42 26.20
N GLY A 218 7.07 -0.56 25.57
CA GLY A 218 5.90 0.18 26.00
C GLY A 218 5.62 1.53 25.36
N TYR A 219 6.40 1.94 24.37
CA TYR A 219 6.16 3.24 23.74
C TYR A 219 5.16 3.13 22.60
N ALA A 220 3.89 2.97 22.97
CA ALA A 220 2.81 2.83 21.99
C ALA A 220 2.65 4.00 21.03
N ARG A 221 3.16 5.17 21.40
CA ARG A 221 3.05 6.37 20.57
C ARG A 221 4.29 6.65 19.75
N PHE A 222 5.34 5.86 19.96
CA PHE A 222 6.59 6.08 19.22
C PHE A 222 6.35 6.24 17.73
N ASN A 223 7.08 7.17 17.12
CA ASN A 223 6.92 7.40 15.71
C ASN A 223 8.21 7.99 15.14
N ILE A 224 8.59 7.52 13.96
CA ILE A 224 9.77 8.02 13.25
C ILE A 224 9.16 9.09 12.34
N ASP A 225 9.26 10.35 12.76
CA ASP A 225 8.67 11.45 12.00
C ASP A 225 9.28 11.73 10.63
N SER A 226 10.61 11.72 10.55
CA SER A 226 11.28 11.93 9.28
C SER A 226 12.71 11.41 9.32
N THR A 227 13.25 11.16 8.14
CA THR A 227 14.61 10.68 7.99
C THR A 227 15.30 11.46 6.87
N GLN A 228 16.35 12.17 7.24
CA GLN A 228 17.13 12.97 6.32
C GLN A 228 18.34 12.14 5.94
N VAL A 229 18.54 11.95 4.63
CA VAL A 229 19.66 11.19 4.11
C VAL A 229 20.41 12.04 3.10
N SER A 230 21.67 12.30 3.39
CA SER A 230 22.50 13.10 2.50
C SER A 230 23.51 12.18 1.87
N LEU A 231 23.53 12.15 0.55
CA LEU A 231 24.46 11.31 -0.21
C LEU A 231 25.77 12.04 -0.46
N THR A 232 26.88 11.36 -0.22
CA THR A 232 28.21 11.93 -0.42
C THR A 232 28.47 12.16 -1.92
N PRO A 233 29.42 13.06 -2.24
CA PRO A 233 29.77 13.37 -3.62
C PRO A 233 30.08 12.14 -4.47
N ASP A 234 30.70 11.12 -3.89
CA ASP A 234 31.00 9.92 -4.68
C ASP A 234 29.85 8.91 -4.63
N LYS A 235 28.75 9.31 -3.98
CA LYS A 235 27.56 8.46 -3.87
C LYS A 235 27.77 7.07 -3.27
N LYS A 236 28.81 6.89 -2.46
CA LYS A 236 29.07 5.60 -1.84
C LYS A 236 28.82 5.60 -0.35
N GLY A 237 28.46 6.76 0.18
CA GLY A 237 28.18 6.86 1.59
C GLY A 237 26.98 7.75 1.83
N ILE A 238 26.35 7.60 2.97
CA ILE A 238 25.20 8.45 3.31
C ILE A 238 25.28 8.89 4.76
N TYR A 239 24.74 10.08 5.03
CA TYR A 239 24.66 10.65 6.39
C TYR A 239 23.20 10.66 6.76
N VAL A 240 22.89 10.06 7.90
CA VAL A 240 21.51 9.96 8.31
C VAL A 240 21.12 10.67 9.60
N THR A 241 19.96 11.29 9.55
CA THR A 241 19.43 11.94 10.72
C THR A 241 18.00 11.41 10.80
N VAL A 242 17.63 10.85 11.94
CA VAL A 242 16.29 10.31 12.13
C VAL A 242 15.62 11.14 13.22
N ASN A 243 14.48 11.74 12.90
CA ASN A 243 13.73 12.56 13.86
C ASN A 243 12.57 11.73 14.39
N ILE A 244 12.59 11.49 15.70
CA ILE A 244 11.56 10.67 16.34
C ILE A 244 10.76 11.36 17.45
N THR A 245 9.60 10.78 17.75
CA THR A 245 8.75 11.26 18.83
C THR A 245 8.63 10.00 19.69
N GLU A 246 9.11 10.08 20.93
CA GLU A 246 9.06 8.94 21.83
C GLU A 246 7.69 8.68 22.44
N GLY A 247 7.12 9.71 23.07
CA GLY A 247 5.84 9.54 23.71
C GLY A 247 6.15 8.85 25.02
N ASP A 248 5.15 8.48 25.79
CA ASP A 248 5.37 7.81 27.07
C ASP A 248 5.27 6.29 27.00
N GLN A 249 5.48 5.64 28.14
CA GLN A 249 5.35 4.19 28.22
C GLN A 249 3.89 3.87 28.50
N TYR A 250 3.40 2.79 27.89
CA TYR A 250 2.01 2.41 28.07
C TYR A 250 1.75 1.03 28.66
N LYS A 251 0.73 0.97 29.50
CA LYS A 251 0.35 -0.28 30.14
C LYS A 251 -0.79 -0.89 29.35
N LEU A 252 -0.67 -2.18 29.06
CA LEU A 252 -1.70 -2.90 28.33
C LEU A 252 -2.81 -3.27 29.35
N SER A 253 -4.02 -2.78 29.13
CA SER A 253 -5.14 -3.02 30.06
C SER A 253 -6.14 -4.09 29.60
N GLY A 254 -6.09 -4.46 28.33
CA GLY A 254 -6.98 -5.46 27.80
C GLY A 254 -6.70 -5.82 26.35
N VAL A 255 -7.19 -6.98 25.93
CA VAL A 255 -7.02 -7.44 24.56
C VAL A 255 -8.39 -7.92 24.16
N GLU A 256 -8.93 -7.32 23.10
CA GLU A 256 -10.26 -7.67 22.62
C GLU A 256 -10.18 -8.32 21.23
N VAL A 257 -10.77 -9.50 21.09
CA VAL A 257 -10.76 -10.16 19.79
C VAL A 257 -12.17 -10.48 19.29
N SER A 258 -12.42 -10.11 18.04
CA SER A 258 -13.72 -10.35 17.41
C SER A 258 -13.56 -10.55 15.91
N GLY A 259 -14.68 -10.90 15.26
CA GLY A 259 -14.66 -11.11 13.83
C GLY A 259 -15.30 -12.43 13.51
N ASN A 260 -14.84 -13.09 12.46
CA ASN A 260 -15.36 -14.39 12.08
C ASN A 260 -14.37 -15.43 12.55
N LEU A 261 -14.59 -15.91 13.77
CA LEU A 261 -13.71 -16.86 14.43
C LEU A 261 -13.92 -18.34 14.10
N ALA A 262 -14.74 -18.63 13.11
CA ALA A 262 -15.01 -20.01 12.67
C ALA A 262 -15.29 -21.02 13.79
N GLY A 263 -15.99 -20.57 14.83
CA GLY A 263 -16.32 -21.46 15.95
C GLY A 263 -15.16 -21.78 16.87
N HIS A 264 -14.23 -20.85 17.03
CA HIS A 264 -13.08 -21.09 17.89
C HIS A 264 -12.77 -19.89 18.78
N SER A 265 -13.78 -19.09 19.04
CA SER A 265 -13.60 -17.90 19.87
C SER A 265 -13.00 -18.26 21.22
N ALA A 266 -13.45 -19.38 21.79
CA ALA A 266 -12.94 -19.81 23.09
C ALA A 266 -11.45 -20.10 23.11
N GLU A 267 -10.92 -20.78 22.08
CA GLU A 267 -9.49 -21.08 22.05
C GLU A 267 -8.70 -19.82 21.73
N ILE A 268 -9.20 -19.05 20.78
CA ILE A 268 -8.51 -17.81 20.41
C ILE A 268 -8.58 -16.86 21.61
N GLU A 269 -9.75 -16.77 22.22
CA GLU A 269 -9.95 -15.91 23.39
C GLU A 269 -8.90 -16.25 24.44
N GLN A 270 -8.53 -17.52 24.51
CA GLN A 270 -7.54 -17.97 25.48
C GLN A 270 -6.13 -17.53 25.11
N LEU A 271 -5.93 -17.16 23.85
CA LEU A 271 -4.62 -16.70 23.40
C LEU A 271 -4.44 -15.21 23.68
N THR A 272 -5.53 -14.53 24.04
CA THR A 272 -5.45 -13.10 24.34
C THR A 272 -5.11 -12.85 25.80
N LYS A 273 -4.83 -13.93 26.53
CA LYS A 273 -4.51 -13.81 27.95
C LYS A 273 -3.23 -13.00 28.18
N ILE A 274 -3.27 -12.13 29.17
CA ILE A 274 -2.12 -11.30 29.53
C ILE A 274 -2.20 -10.94 31.00
N GLU A 275 -1.21 -10.21 31.48
CA GLU A 275 -1.18 -9.74 32.86
C GLU A 275 -1.76 -8.32 32.82
N PRO A 276 -3.01 -8.15 33.27
CA PRO A 276 -3.63 -6.82 33.25
C PRO A 276 -2.71 -5.72 33.77
N GLY A 277 -2.36 -4.79 32.90
CA GLY A 277 -1.49 -3.70 33.31
C GLY A 277 -0.02 -3.93 32.99
N GLU A 278 0.30 -4.99 32.26
CA GLU A 278 1.69 -5.24 31.91
C GLU A 278 2.06 -4.20 30.86
N LEU A 279 3.35 -3.97 30.64
CA LEU A 279 3.81 -3.00 29.65
C LEU A 279 3.43 -3.39 28.23
N TYR A 280 3.12 -2.40 27.42
CA TYR A 280 2.78 -2.68 26.02
C TYR A 280 4.05 -3.24 25.38
N ASN A 281 3.91 -4.23 24.51
CA ASN A 281 5.05 -4.84 23.86
C ASN A 281 4.69 -5.24 22.43
N GLY A 282 5.21 -4.47 21.47
CA GLY A 282 4.93 -4.72 20.06
C GLY A 282 5.20 -6.13 19.57
N THR A 283 6.30 -6.72 20.02
CA THR A 283 6.63 -8.08 19.61
C THR A 283 5.64 -9.13 20.14
N LYS A 284 5.20 -8.97 21.39
CA LYS A 284 4.23 -9.92 21.96
C LYS A 284 2.93 -9.89 21.16
N VAL A 285 2.62 -8.72 20.60
CA VAL A 285 1.41 -8.56 19.79
C VAL A 285 1.54 -9.42 18.54
N THR A 286 2.66 -9.28 17.84
CA THR A 286 2.90 -10.06 16.64
C THR A 286 2.80 -11.54 16.96
N LYS A 287 3.47 -11.95 18.03
CA LYS A 287 3.48 -13.34 18.46
C LYS A 287 2.04 -13.82 18.67
N MET A 288 1.25 -13.01 19.36
CA MET A 288 -0.14 -13.35 19.63
C MET A 288 -0.86 -13.63 18.31
N GLU A 289 -0.75 -12.69 17.38
CA GLU A 289 -1.38 -12.82 16.06
C GLU A 289 -0.95 -14.10 15.36
N ASP A 290 0.36 -14.34 15.30
CA ASP A 290 0.89 -15.53 14.65
C ASP A 290 0.32 -16.78 15.33
N ASP A 291 0.16 -16.70 16.65
CA ASP A 291 -0.38 -17.83 17.41
C ASP A 291 -1.84 -18.05 17.02
N ILE A 292 -2.57 -16.97 16.78
CA ILE A 292 -3.96 -17.09 16.37
C ILE A 292 -4.01 -17.71 14.98
N LYS A 293 -3.14 -17.23 14.08
CA LYS A 293 -3.07 -17.74 12.72
C LYS A 293 -2.78 -19.22 12.75
N LYS A 294 -1.76 -19.59 13.52
CA LYS A 294 -1.38 -20.98 13.65
C LYS A 294 -2.56 -21.81 14.16
N LEU A 295 -3.32 -21.28 15.12
CA LEU A 295 -4.46 -22.02 15.66
C LEU A 295 -5.49 -22.29 14.56
N LEU A 296 -5.81 -21.27 13.78
CA LEU A 296 -6.80 -21.44 12.71
C LEU A 296 -6.28 -22.33 11.59
N GLY A 297 -4.96 -22.40 11.45
CA GLY A 297 -4.38 -23.22 10.40
C GLY A 297 -4.61 -24.69 10.71
N ARG A 298 -4.55 -25.02 11.99
CA ARG A 298 -4.73 -26.39 12.43
C ARG A 298 -6.19 -26.84 12.34
N TYR A 299 -7.01 -26.05 11.65
CA TYR A 299 -8.42 -26.40 11.48
C TYR A 299 -8.83 -26.33 10.02
N GLY A 300 -7.87 -26.11 9.13
CA GLY A 300 -8.17 -26.06 7.71
C GLY A 300 -8.17 -24.67 7.10
N TYR A 301 -7.86 -23.67 7.92
CA TYR A 301 -7.82 -22.29 7.44
C TYR A 301 -6.35 -21.92 7.25
N ALA A 302 -5.93 -21.82 6.00
CA ALA A 302 -4.53 -21.51 5.69
C ALA A 302 -4.29 -20.04 5.41
N TYR A 303 -5.36 -19.26 5.28
CA TYR A 303 -5.20 -17.84 4.99
C TYR A 303 -6.15 -16.94 5.76
N PRO A 304 -5.99 -16.88 7.10
CA PRO A 304 -6.82 -16.06 7.98
C PRO A 304 -6.33 -14.62 8.07
N ARG A 305 -7.25 -13.67 8.08
CA ARG A 305 -6.89 -12.26 8.16
C ARG A 305 -6.89 -11.79 9.63
N VAL A 306 -5.72 -11.45 10.14
CA VAL A 306 -5.56 -11.00 11.53
C VAL A 306 -4.87 -9.64 11.67
N GLN A 307 -5.61 -8.60 12.05
CA GLN A 307 -5.02 -7.28 12.23
C GLN A 307 -5.24 -6.74 13.63
N SER A 308 -4.28 -5.96 14.14
CA SER A 308 -4.38 -5.38 15.47
C SER A 308 -4.25 -3.85 15.47
N MET A 309 -5.17 -3.19 16.17
CA MET A 309 -5.18 -1.74 16.28
C MET A 309 -5.25 -1.35 17.76
N PRO A 310 -4.29 -0.56 18.24
CA PRO A 310 -4.32 -0.16 19.65
C PRO A 310 -5.29 1.00 19.91
N GLU A 311 -5.89 0.98 21.10
CA GLU A 311 -6.78 2.02 21.56
C GLU A 311 -6.01 2.68 22.69
N ILE A 312 -5.38 3.80 22.39
CA ILE A 312 -4.55 4.52 23.34
C ILE A 312 -5.28 5.53 24.20
N ASN A 313 -5.15 5.38 25.52
CA ASN A 313 -5.76 6.29 26.48
C ASN A 313 -4.62 7.09 27.11
N ASP A 314 -4.33 8.26 26.56
CA ASP A 314 -3.25 9.08 27.08
C ASP A 314 -3.55 9.50 28.52
N ALA A 315 -4.82 9.66 28.84
CA ALA A 315 -5.25 10.06 30.18
C ALA A 315 -4.49 9.30 31.27
N ASP A 316 -4.62 7.99 31.29
CA ASP A 316 -3.93 7.17 32.29
C ASP A 316 -2.86 6.24 31.69
N LYS A 317 -2.33 6.63 30.54
CA LYS A 317 -1.28 5.87 29.85
C LYS A 317 -1.53 4.38 29.73
N THR A 318 -2.72 4.01 29.25
CA THR A 318 -3.03 2.60 29.08
C THR A 318 -3.38 2.31 27.61
N VAL A 319 -3.42 1.03 27.27
CA VAL A 319 -3.74 0.62 25.91
C VAL A 319 -4.63 -0.61 25.86
N LYS A 320 -5.65 -0.57 25.02
CA LYS A 320 -6.53 -1.71 24.82
C LYS A 320 -6.22 -2.17 23.40
N LEU A 321 -5.86 -3.44 23.23
CA LEU A 321 -5.54 -3.95 21.91
C LEU A 321 -6.74 -4.57 21.23
N ARG A 322 -7.13 -4.01 20.09
CA ARG A 322 -8.27 -4.56 19.37
C ARG A 322 -7.80 -5.41 18.22
N VAL A 323 -8.13 -6.70 18.29
CA VAL A 323 -7.73 -7.63 17.26
C VAL A 323 -8.93 -8.06 16.43
N ASN A 324 -8.80 -7.97 15.12
CA ASN A 324 -9.84 -8.39 14.22
C ASN A 324 -9.37 -9.68 13.59
N VAL A 325 -10.28 -10.63 13.45
CA VAL A 325 -9.93 -11.89 12.85
C VAL A 325 -11.03 -12.39 11.93
N ASP A 326 -10.61 -12.81 10.74
CA ASP A 326 -11.52 -13.38 9.74
C ASP A 326 -10.81 -14.68 9.34
N ALA A 327 -11.38 -15.83 9.71
CA ALA A 327 -10.77 -17.13 9.39
C ALA A 327 -10.52 -17.34 7.90
N GLY A 328 -11.46 -16.92 7.08
CA GLY A 328 -11.31 -17.08 5.64
C GLY A 328 -11.77 -18.40 5.08
N ASN A 329 -11.21 -18.75 3.93
CA ASN A 329 -11.56 -19.98 3.21
C ASN A 329 -10.96 -21.26 3.79
N ARG A 330 -11.80 -22.17 4.24
CA ARG A 330 -11.35 -23.46 4.77
C ARG A 330 -11.06 -24.35 3.58
N PHE A 331 -9.77 -24.57 3.32
CA PHE A 331 -9.29 -25.36 2.19
C PHE A 331 -9.11 -26.87 2.48
N TYR A 332 -9.99 -27.69 1.92
CA TYR A 332 -9.97 -29.15 2.07
C TYR A 332 -9.34 -29.78 0.83
N VAL A 333 -8.30 -30.59 1.00
CA VAL A 333 -7.64 -31.24 -0.15
C VAL A 333 -7.50 -32.76 0.02
N ARG A 334 -8.38 -33.50 -0.63
CA ARG A 334 -8.35 -34.96 -0.56
C ARG A 334 -7.51 -35.56 -1.70
N LYS A 335 -6.55 -36.38 -1.32
CA LYS A 335 -5.65 -37.04 -2.28
C LYS A 335 -6.26 -38.35 -2.75
MG MG B . 15.38 -8.92 -14.56
#